data_8ZIC
#
_entry.id   8ZIC
#
_cell.length_a   100.205
_cell.length_b   100.205
_cell.length_c   76.385
_cell.angle_alpha   90.000
_cell.angle_beta   90.000
_cell.angle_gamma   90.000
#
_symmetry.space_group_name_H-M   'P 42 21 2'
#
loop_
_entity.id
_entity.type
_entity.pdbx_description
1 polymer '4-hydroxytryptamine kinase'
2 non-polymer 2-(1H-INDOL-3-YL)ETHANAMINE
3 non-polymer "ADENOSINE-5'-DIPHOSPHATE"
4 non-polymer 'MAGNESIUM ION'
5 non-polymer 'CALCIUM ION'
6 water water
#
_entity_poly.entity_id   1
_entity_poly.type   'polypeptide(L)'
_entity_poly.pdbx_seq_one_letter_code
;MAFDLKTEDGLITYLTKHLSLDVDTSGVKRLSGGFVNVTWRIKLNAPYQGHTSIILKHAQPHMSTDEDFKIGVERSVYEY
QAIKLMMANREVLGGVDGIVSVPEGLNYDLENNALIMQDVGKMKTLLDYVTAKPPLATDIARLVGTEIGGFVARLHNIGR
ERRDDPEFKFFSGNIVGRTTSDQLYQTIIPNAAKYGVDDPLLPTVVKDLVDDVMHSEETLVMADLWSGNILLQLEEGNPS
KLQKIYILDWELCKYGPASLDLGYFLGDCYLISRFQDEQVGTTMRQAYLQSYARTSKHSINYAKVTAGIAAHIVMWTDFM
QWGSEEERINFVKKGVAAFHDARGNNDNGEITSTLLKESSTA
;
_entity_poly.pdbx_strand_id   A
#
# COMPACT_ATOMS: atom_id res chain seq x y z
N MET A 1 -18.50 6.80 -26.33
CA MET A 1 -17.98 7.71 -25.32
C MET A 1 -18.27 7.19 -23.90
N ALA A 2 -17.49 7.71 -22.95
CA ALA A 2 -17.53 7.32 -21.56
C ALA A 2 -18.63 8.08 -20.79
N PHE A 3 -19.06 7.45 -19.70
CA PHE A 3 -19.92 8.09 -18.73
C PHE A 3 -19.07 8.94 -17.79
N ASP A 4 -19.70 9.88 -17.07
CA ASP A 4 -18.93 10.74 -16.16
C ASP A 4 -18.95 10.13 -14.77
N LEU A 5 -17.89 9.38 -14.45
CA LEU A 5 -17.81 8.71 -13.16
C LEU A 5 -17.26 9.60 -12.04
N LYS A 6 -17.11 10.90 -12.29
CA LYS A 6 -16.69 11.83 -11.27
C LYS A 6 -17.87 12.51 -10.59
N THR A 7 -19.08 12.24 -11.04
CA THR A 7 -20.31 12.84 -10.51
C THR A 7 -21.27 11.73 -10.08
N GLU A 8 -22.13 12.03 -9.10
CA GLU A 8 -23.07 11.02 -8.64
C GLU A 8 -24.03 10.59 -9.75
N ASP A 9 -24.60 11.56 -10.47
CA ASP A 9 -25.57 11.23 -11.53
C ASP A 9 -24.91 10.40 -12.62
N GLY A 10 -23.73 10.80 -13.07
CA GLY A 10 -23.05 10.02 -14.09
C GLY A 10 -22.72 8.62 -13.62
N LEU A 11 -22.42 8.48 -12.33
CA LEU A 11 -22.16 7.16 -11.76
C LEU A 11 -23.42 6.29 -11.79
N ILE A 12 -24.56 6.87 -11.41
CA ILE A 12 -25.82 6.13 -11.40
C ILE A 12 -26.23 5.75 -12.82
N THR A 13 -26.11 6.69 -13.75
CA THR A 13 -26.37 6.37 -15.15
C THR A 13 -25.46 5.26 -15.65
N TYR A 14 -24.16 5.35 -15.35
CA TYR A 14 -23.24 4.30 -15.76
C TYR A 14 -23.68 2.94 -15.21
N LEU A 15 -23.94 2.87 -13.90
CA LEU A 15 -24.31 1.60 -13.28
C LEU A 15 -25.61 1.04 -13.85
N THR A 16 -26.60 1.90 -14.08
CA THR A 16 -27.90 1.38 -14.51
C THR A 16 -27.94 1.12 -16.01
N LYS A 17 -27.40 2.05 -16.81
CA LYS A 17 -27.44 1.92 -18.27
C LYS A 17 -26.36 0.98 -18.80
N HIS A 18 -25.11 1.16 -18.37
CA HIS A 18 -24.04 0.38 -18.98
C HIS A 18 -23.96 -1.03 -18.38
N LEU A 19 -24.26 -1.19 -17.09
CA LEU A 19 -24.16 -2.51 -16.47
C LEU A 19 -25.50 -3.14 -16.14
N SER A 20 -26.61 -2.44 -16.32
CA SER A 20 -27.94 -2.97 -16.01
C SER A 20 -28.07 -3.34 -14.54
N LEU A 21 -27.45 -2.55 -13.65
CA LEU A 21 -27.59 -2.81 -12.23
C LEU A 21 -28.81 -2.09 -11.67
N ASP A 22 -29.32 -2.59 -10.55
CA ASP A 22 -30.51 -2.07 -9.87
C ASP A 22 -30.02 -1.29 -8.65
N VAL A 23 -29.97 0.04 -8.78
CA VAL A 23 -29.27 0.90 -7.85
C VAL A 23 -30.24 1.52 -6.86
N ASP A 24 -29.92 1.44 -5.58
CA ASP A 24 -30.64 2.19 -4.54
C ASP A 24 -30.00 3.57 -4.47
N THR A 25 -30.62 4.55 -5.14
CA THR A 25 -30.01 5.87 -5.27
C THR A 25 -29.84 6.61 -3.94
N SER A 26 -30.51 6.17 -2.88
CA SER A 26 -30.25 6.76 -1.56
C SER A 26 -28.98 6.22 -0.91
N GLY A 27 -28.45 5.09 -1.40
CA GLY A 27 -27.23 4.53 -0.85
C GLY A 27 -25.98 4.69 -1.72
N VAL A 28 -25.83 5.82 -2.39
CA VAL A 28 -24.66 6.10 -3.21
C VAL A 28 -23.84 7.15 -2.49
N LYS A 29 -22.63 6.79 -2.04
CA LYS A 29 -21.80 7.68 -1.23
C LYS A 29 -20.41 7.81 -1.84
N ARG A 30 -19.97 9.06 -2.03
CA ARG A 30 -18.60 9.33 -2.43
C ARG A 30 -17.66 9.10 -1.25
N LEU A 31 -16.67 8.24 -1.44
CA LEU A 31 -15.72 7.93 -0.38
C LEU A 31 -14.53 8.89 -0.47
N SER A 32 -14.11 9.40 0.69
CA SER A 32 -13.07 10.42 0.73
C SER A 32 -11.72 9.87 0.30
N GLY A 33 -10.71 10.73 0.27
CA GLY A 33 -9.37 10.29 -0.08
C GLY A 33 -9.19 10.05 -1.57
N GLY A 34 -7.95 9.85 -1.99
CA GLY A 34 -7.65 9.71 -3.40
C GLY A 34 -7.56 11.05 -4.11
N PHE A 35 -6.38 11.32 -4.66
CA PHE A 35 -6.19 12.43 -5.58
C PHE A 35 -6.19 11.98 -7.04
N VAL A 36 -6.04 10.68 -7.30
CA VAL A 36 -6.04 10.16 -8.66
C VAL A 36 -7.19 9.20 -8.94
N ASN A 37 -7.95 8.78 -7.93
CA ASN A 37 -9.08 7.89 -8.10
C ASN A 37 -10.30 8.50 -7.43
N VAL A 38 -11.47 8.24 -8.00
CA VAL A 38 -12.74 8.58 -7.37
C VAL A 38 -13.40 7.27 -6.96
N THR A 39 -13.71 7.14 -5.67
CA THR A 39 -14.23 5.89 -5.12
C THR A 39 -15.63 6.11 -4.58
N TRP A 40 -16.53 5.19 -4.90
CA TRP A 40 -17.93 5.25 -4.51
C TRP A 40 -18.33 3.95 -3.82
N ARG A 41 -19.16 4.07 -2.79
CA ARG A 41 -19.91 2.95 -2.25
C ARG A 41 -21.33 3.00 -2.79
N ILE A 42 -21.81 1.87 -3.30
CA ILE A 42 -23.11 1.81 -3.96
C ILE A 42 -23.92 0.67 -3.35
N LYS A 43 -25.09 0.99 -2.80
CA LYS A 43 -26.05 -0.03 -2.37
C LYS A 43 -26.93 -0.44 -3.54
N LEU A 44 -27.18 -1.73 -3.69
CA LEU A 44 -28.00 -2.25 -4.78
C LEU A 44 -29.27 -2.88 -4.22
N ASN A 45 -30.37 -2.73 -4.99
CA ASN A 45 -31.64 -3.36 -4.66
C ASN A 45 -31.65 -4.84 -5.01
N ALA A 46 -30.84 -5.25 -5.98
CA ALA A 46 -30.67 -6.63 -6.41
C ALA A 46 -29.20 -6.97 -6.45
N PRO A 47 -28.84 -8.21 -6.12
CA PRO A 47 -27.40 -8.56 -5.99
C PRO A 47 -26.68 -8.56 -7.33
N TYR A 48 -25.43 -8.11 -7.31
CA TYR A 48 -24.52 -8.18 -8.45
C TYR A 48 -23.40 -9.17 -8.12
N GLN A 49 -23.43 -10.33 -8.79
CA GLN A 49 -22.57 -11.47 -8.45
C GLN A 49 -22.60 -11.77 -6.95
N GLY A 50 -23.79 -11.73 -6.37
CA GLY A 50 -23.98 -12.09 -4.98
C GLY A 50 -23.74 -10.97 -3.99
N HIS A 51 -23.43 -9.76 -4.45
CA HIS A 51 -23.15 -8.66 -3.53
C HIS A 51 -24.24 -7.61 -3.67
N THR A 52 -24.80 -7.17 -2.54
CA THR A 52 -25.79 -6.11 -2.52
C THR A 52 -25.18 -4.76 -2.18
N SER A 53 -23.89 -4.71 -1.87
CA SER A 53 -23.18 -3.46 -1.74
C SER A 53 -21.85 -3.60 -2.48
N ILE A 54 -21.50 -2.59 -3.27
CA ILE A 54 -20.29 -2.63 -4.06
C ILE A 54 -19.53 -1.33 -3.89
N ILE A 55 -18.26 -1.39 -4.25
CA ILE A 55 -17.38 -0.24 -4.35
C ILE A 55 -16.97 -0.09 -5.80
N LEU A 56 -16.99 1.14 -6.31
CA LEU A 56 -16.44 1.44 -7.64
C LEU A 56 -15.31 2.43 -7.50
N LYS A 57 -14.16 2.09 -8.08
CA LYS A 57 -13.01 2.97 -8.18
C LYS A 57 -12.85 3.41 -9.63
N HIS A 58 -12.86 4.71 -9.86
CA HIS A 58 -12.65 5.29 -11.18
C HIS A 58 -11.26 5.91 -11.23
N ALA A 59 -10.41 5.38 -12.10
CA ALA A 59 -9.05 5.90 -12.26
C ALA A 59 -9.05 7.11 -13.18
N GLN A 60 -8.51 8.22 -12.70
CA GLN A 60 -8.25 9.41 -13.49
C GLN A 60 -6.86 9.34 -14.14
N PRO A 61 -6.62 10.06 -15.24
CA PRO A 61 -5.29 10.01 -15.89
C PRO A 61 -4.26 10.94 -15.27
N HIS A 62 -4.61 11.65 -14.20
CA HIS A 62 -3.73 12.64 -13.60
C HIS A 62 -4.25 12.92 -12.20
N MET A 63 -3.44 13.63 -11.41
CA MET A 63 -3.91 14.10 -10.11
C MET A 63 -4.98 15.17 -10.29
N SER A 64 -6.06 15.08 -9.50
N SER A 64 -6.05 15.09 -9.49
CA SER A 64 -7.13 16.08 -9.56
CA SER A 64 -7.13 16.08 -9.56
C SER A 64 -6.59 17.48 -9.31
C SER A 64 -6.62 17.48 -9.28
N THR A 65 -5.64 17.61 -8.40
CA THR A 65 -5.09 18.90 -8.00
C THR A 65 -3.87 19.31 -8.83
N ASP A 66 -3.41 18.47 -9.74
CA ASP A 66 -2.23 18.80 -10.53
C ASP A 66 -2.27 17.95 -11.81
N GLU A 67 -2.92 18.49 -12.85
CA GLU A 67 -3.12 17.73 -14.07
C GLU A 67 -1.83 17.51 -14.86
N ASP A 68 -0.71 18.11 -14.45
CA ASP A 68 0.58 17.79 -15.06
C ASP A 68 1.22 16.53 -14.47
N PHE A 69 0.77 16.03 -13.32
CA PHE A 69 1.24 14.74 -12.81
C PHE A 69 0.43 13.65 -13.50
N LYS A 70 1.02 13.01 -14.51
CA LYS A 70 0.35 12.00 -15.32
C LYS A 70 0.51 10.62 -14.72
N ILE A 71 -0.59 9.86 -14.66
CA ILE A 71 -0.55 8.48 -14.21
C ILE A 71 -1.54 7.66 -15.03
N GLY A 72 -1.05 6.61 -15.69
CA GLY A 72 -1.85 5.92 -16.67
C GLY A 72 -3.05 5.24 -16.04
N VAL A 73 -4.20 5.33 -16.73
CA VAL A 73 -5.41 4.68 -16.26
C VAL A 73 -5.32 3.16 -16.36
N GLU A 74 -4.37 2.62 -17.12
CA GLU A 74 -4.30 1.16 -17.23
C GLU A 74 -3.86 0.47 -15.94
N ARG A 75 -3.37 1.21 -14.95
CA ARG A 75 -3.10 0.64 -13.64
C ARG A 75 -4.35 -0.05 -13.08
N SER A 76 -5.53 0.37 -13.52
CA SER A 76 -6.75 -0.16 -12.95
C SER A 76 -6.98 -1.63 -13.35
N VAL A 77 -6.53 -2.05 -14.54
CA VAL A 77 -6.65 -3.45 -14.88
C VAL A 77 -5.65 -4.30 -14.09
N TYR A 78 -4.53 -3.71 -13.66
CA TYR A 78 -3.61 -4.46 -12.80
C TYR A 78 -4.18 -4.63 -11.40
N GLU A 79 -4.88 -3.62 -10.89
CA GLU A 79 -5.55 -3.77 -9.59
C GLU A 79 -6.60 -4.87 -9.63
N TYR A 80 -7.44 -4.87 -10.66
CA TYR A 80 -8.44 -5.91 -10.85
C TYR A 80 -7.81 -7.29 -10.93
N GLN A 81 -6.83 -7.45 -11.83
CA GLN A 81 -6.20 -8.76 -11.97
C GLN A 81 -5.46 -9.17 -10.70
N ALA A 82 -4.89 -8.21 -9.97
CA ALA A 82 -4.18 -8.54 -8.73
C ALA A 82 -5.11 -9.11 -7.68
N ILE A 83 -6.28 -8.50 -7.47
CA ILE A 83 -7.16 -9.03 -6.43
C ILE A 83 -7.81 -10.33 -6.89
N LYS A 84 -7.94 -10.53 -8.20
CA LYS A 84 -8.35 -11.84 -8.69
C LYS A 84 -7.28 -12.89 -8.37
N LEU A 85 -6.00 -12.56 -8.61
CA LEU A 85 -4.92 -13.51 -8.33
C LEU A 85 -4.79 -13.80 -6.84
N MET A 86 -5.00 -12.80 -5.98
CA MET A 86 -4.97 -13.07 -4.55
C MET A 86 -6.12 -13.97 -4.13
N MET A 87 -7.31 -13.76 -4.70
CA MET A 87 -8.44 -14.62 -4.36
C MET A 87 -8.20 -16.05 -4.85
N ALA A 88 -7.61 -16.20 -6.04
CA ALA A 88 -7.25 -17.51 -6.55
C ALA A 88 -6.18 -18.21 -5.71
N ASN A 89 -5.38 -17.46 -4.93
CA ASN A 89 -4.37 -18.07 -4.06
C ASN A 89 -4.62 -17.76 -2.59
N ARG A 90 -5.90 -17.58 -2.22
CA ARG A 90 -6.19 -17.02 -0.89
C ARG A 90 -5.86 -18.00 0.23
N GLU A 91 -6.09 -19.30 -0.01
CA GLU A 91 -5.91 -20.27 1.07
C GLU A 91 -4.46 -20.33 1.54
N VAL A 92 -3.50 -20.20 0.61
CA VAL A 92 -2.09 -20.23 0.99
C VAL A 92 -1.61 -18.86 1.47
N LEU A 93 -1.98 -17.78 0.77
CA LEU A 93 -1.58 -16.45 1.24
C LEU A 93 -2.20 -16.11 2.59
N GLY A 94 -3.45 -16.51 2.82
CA GLY A 94 -4.12 -16.18 4.07
C GLY A 94 -3.69 -17.03 5.25
N GLY A 95 -2.95 -18.11 5.00
CA GLY A 95 -2.36 -18.87 6.07
C GLY A 95 -3.36 -19.74 6.81
N VAL A 96 -2.91 -20.22 7.97
CA VAL A 96 -3.64 -21.22 8.74
C VAL A 96 -4.86 -20.66 9.46
N ASP A 97 -5.00 -19.33 9.56
CA ASP A 97 -6.13 -18.72 10.23
C ASP A 97 -6.97 -17.81 9.33
N GLY A 98 -6.50 -17.48 8.13
CA GLY A 98 -7.31 -16.72 7.19
C GLY A 98 -7.66 -15.31 7.63
N ILE A 99 -6.83 -14.66 8.45
CA ILE A 99 -7.17 -13.31 8.91
C ILE A 99 -7.02 -12.27 7.80
N VAL A 100 -5.94 -12.36 7.02
CA VAL A 100 -5.69 -11.36 5.97
C VAL A 100 -6.44 -11.75 4.70
N SER A 101 -7.12 -10.77 4.10
CA SER A 101 -7.88 -11.02 2.88
C SER A 101 -7.82 -9.78 2.00
N VAL A 102 -8.33 -9.94 0.78
CA VAL A 102 -8.51 -8.80 -0.14
C VAL A 102 -9.95 -8.81 -0.62
N PRO A 103 -10.44 -7.68 -1.12
CA PRO A 103 -11.79 -7.65 -1.70
C PRO A 103 -11.87 -8.46 -2.98
N GLU A 104 -13.04 -9.04 -3.22
CA GLU A 104 -13.28 -9.76 -4.47
C GLU A 104 -13.50 -8.77 -5.62
N GLY A 105 -12.84 -9.06 -6.75
CA GLY A 105 -12.99 -8.24 -7.93
C GLY A 105 -14.15 -8.73 -8.78
N LEU A 106 -15.09 -7.82 -9.06
CA LEU A 106 -16.31 -8.16 -9.77
C LEU A 106 -16.31 -7.70 -11.22
N ASN A 107 -15.77 -6.52 -11.50
CA ASN A 107 -15.80 -6.05 -12.86
C ASN A 107 -14.67 -5.05 -13.07
N TYR A 108 -14.07 -5.09 -14.24
CA TYR A 108 -13.25 -4.00 -14.74
C TYR A 108 -13.78 -3.59 -16.11
N ASP A 109 -14.00 -2.30 -16.30
CA ASP A 109 -14.49 -1.79 -17.57
C ASP A 109 -13.42 -0.90 -18.18
N LEU A 110 -12.90 -1.30 -19.34
CA LEU A 110 -11.74 -0.65 -19.94
C LEU A 110 -12.04 0.79 -20.35
N GLU A 111 -13.05 1.00 -21.20
CA GLU A 111 -13.29 2.31 -21.77
C GLU A 111 -13.83 3.31 -20.74
N ASN A 112 -14.36 2.85 -19.61
CA ASN A 112 -14.76 3.81 -18.59
C ASN A 112 -13.80 3.89 -17.41
N ASN A 113 -12.69 3.16 -17.41
CA ASN A 113 -11.72 3.15 -16.31
C ASN A 113 -12.42 2.97 -14.97
N ALA A 114 -13.23 1.92 -14.89
CA ALA A 114 -14.09 1.68 -13.75
C ALA A 114 -13.87 0.26 -13.26
N LEU A 115 -13.47 0.14 -12.02
CA LEU A 115 -13.28 -1.15 -11.37
C LEU A 115 -14.32 -1.26 -10.27
N ILE A 116 -15.10 -2.34 -10.30
CA ILE A 116 -16.09 -2.62 -9.26
C ILE A 116 -15.61 -3.80 -8.44
N MET A 117 -15.68 -3.68 -7.11
CA MET A 117 -15.33 -4.78 -6.25
C MET A 117 -16.35 -4.93 -5.13
N GLN A 118 -16.24 -6.05 -4.43
CA GLN A 118 -17.04 -6.29 -3.24
C GLN A 118 -16.79 -5.20 -2.20
N ASP A 119 -17.88 -4.71 -1.61
CA ASP A 119 -17.77 -3.82 -0.45
C ASP A 119 -17.56 -4.70 0.78
N VAL A 120 -16.32 -4.74 1.28
CA VAL A 120 -15.98 -5.64 2.39
C VAL A 120 -16.47 -5.02 3.70
N GLY A 121 -17.10 -3.85 3.62
CA GLY A 121 -17.77 -3.26 4.76
C GLY A 121 -17.26 -1.87 5.12
N LYS A 122 -18.08 -1.10 5.84
CA LYS A 122 -17.66 0.18 6.41
C LYS A 122 -16.73 -0.10 7.58
N MET A 123 -15.46 0.26 7.45
CA MET A 123 -14.43 -0.11 8.41
C MET A 123 -13.43 1.03 8.55
N LYS A 124 -12.79 1.09 9.70
CA LYS A 124 -11.68 2.01 9.88
C LYS A 124 -10.39 1.39 9.37
N THR A 125 -9.52 2.24 8.83
CA THR A 125 -8.17 1.84 8.41
C THR A 125 -7.24 1.72 9.61
N LEU A 126 -6.17 0.93 9.43
CA LEU A 126 -5.10 0.89 10.42
C LEU A 126 -4.58 2.30 10.72
N LEU A 127 -4.57 3.16 9.72
CA LEU A 127 -4.13 4.54 9.93
C LEU A 127 -5.05 5.28 10.92
N ASP A 128 -6.37 5.10 10.79
CA ASP A 128 -7.31 5.66 11.77
C ASP A 128 -7.01 5.14 13.18
N TYR A 129 -6.79 3.82 13.31
CA TYR A 129 -6.57 3.27 14.65
C TYR A 129 -5.28 3.79 15.28
N VAL A 130 -4.21 3.91 14.50
CA VAL A 130 -2.94 4.32 15.11
C VAL A 130 -2.86 5.83 15.35
N THR A 131 -3.72 6.64 14.75
CA THR A 131 -3.78 8.07 15.06
C THR A 131 -4.88 8.43 16.05
N ALA A 132 -5.79 7.51 16.33
CA ALA A 132 -6.79 7.72 17.37
C ALA A 132 -6.13 7.82 18.75
N LYS A 133 -6.77 8.56 19.65
CA LYS A 133 -6.37 8.64 21.05
C LYS A 133 -7.51 8.12 21.91
N PRO A 134 -7.33 7.04 22.70
CA PRO A 134 -6.11 6.26 22.87
C PRO A 134 -5.83 5.37 21.66
N PRO A 135 -4.57 5.02 21.42
CA PRO A 135 -4.21 4.32 20.18
C PRO A 135 -4.66 2.87 20.18
N LEU A 136 -4.46 2.22 19.04
CA LEU A 136 -4.76 0.80 18.88
C LEU A 136 -4.09 -0.01 19.98
N ALA A 137 -4.85 -0.94 20.58
CA ALA A 137 -4.32 -1.79 21.64
C ALA A 137 -3.05 -2.49 21.18
N THR A 138 -2.05 -2.54 22.06
CA THR A 138 -0.76 -3.09 21.67
C THR A 138 -0.87 -4.55 21.25
N ASP A 139 -1.79 -5.32 21.85
CA ASP A 139 -2.02 -6.70 21.42
C ASP A 139 -2.46 -6.77 19.96
N ILE A 140 -3.37 -5.88 19.56
CA ILE A 140 -3.83 -5.92 18.17
C ILE A 140 -2.69 -5.51 17.23
N ALA A 141 -1.95 -4.47 17.61
CA ALA A 141 -0.81 -4.03 16.81
C ALA A 141 0.17 -5.17 16.56
N ARG A 142 0.46 -5.97 17.58
CA ARG A 142 1.37 -7.09 17.39
C ARG A 142 0.79 -8.12 16.44
N LEU A 143 -0.48 -8.49 16.65
CA LEU A 143 -1.12 -9.45 15.76
C LEU A 143 -1.15 -8.93 14.33
N VAL A 144 -1.45 -7.63 14.17
CA VAL A 144 -1.48 -7.03 12.83
C VAL A 144 -0.12 -7.16 12.16
N GLY A 145 0.95 -6.81 12.87
CA GLY A 145 2.28 -6.96 12.30
C GLY A 145 2.62 -8.41 11.97
N THR A 146 2.20 -9.33 12.83
CA THR A 146 2.48 -10.74 12.58
C THR A 146 1.74 -11.23 11.34
N GLU A 147 0.46 -10.92 11.22
CA GLU A 147 -0.34 -11.46 10.12
C GLU A 147 0.03 -10.84 8.79
N ILE A 148 0.35 -9.54 8.79
CA ILE A 148 0.76 -8.87 7.56
C ILE A 148 2.13 -9.36 7.11
N GLY A 149 3.07 -9.47 8.06
CA GLY A 149 4.38 -10.01 7.73
C GLY A 149 4.29 -11.39 7.12
N GLY A 150 3.43 -12.25 7.67
CA GLY A 150 3.29 -13.59 7.13
C GLY A 150 2.67 -13.58 5.74
N PHE A 151 1.65 -12.75 5.54
CA PHE A 151 1.03 -12.62 4.23
C PHE A 151 2.04 -12.13 3.19
N VAL A 152 2.81 -11.09 3.54
CA VAL A 152 3.74 -10.52 2.57
C VAL A 152 4.87 -11.49 2.25
N ALA A 153 5.40 -12.19 3.25
CA ALA A 153 6.43 -13.18 2.99
C ALA A 153 5.90 -14.29 2.08
N ARG A 154 4.66 -14.72 2.30
CA ARG A 154 4.07 -15.75 1.43
C ARG A 154 3.83 -15.21 0.03
N LEU A 155 3.41 -13.94 -0.09
CA LEU A 155 3.30 -13.33 -1.41
C LEU A 155 4.66 -13.28 -2.12
N HIS A 156 5.71 -12.87 -1.40
CA HIS A 156 7.02 -12.81 -2.02
C HIS A 156 7.55 -14.21 -2.37
N ASN A 157 7.28 -15.21 -1.52
CA ASN A 157 7.72 -16.58 -1.82
C ASN A 157 7.09 -17.08 -3.13
N ILE A 158 5.76 -16.99 -3.24
CA ILE A 158 5.07 -17.51 -4.41
C ILE A 158 5.37 -16.67 -5.65
N GLY A 159 5.64 -15.37 -5.47
CA GLY A 159 6.03 -14.56 -6.60
C GLY A 159 7.33 -15.04 -7.23
N ARG A 160 8.27 -15.49 -6.38
CA ARG A 160 9.53 -16.03 -6.87
C ARG A 160 9.33 -17.40 -7.51
N GLU A 161 8.52 -18.25 -6.88
CA GLU A 161 8.30 -19.60 -7.39
C GLU A 161 7.58 -19.58 -8.74
N ARG A 162 6.57 -18.73 -8.90
CA ARG A 162 5.73 -18.72 -10.08
C ARG A 162 6.06 -17.57 -11.04
N ARG A 163 7.30 -17.06 -10.98
CA ARG A 163 7.71 -15.88 -11.74
C ARG A 163 7.36 -16.01 -13.23
N ASP A 164 7.47 -17.22 -13.80
CA ASP A 164 7.25 -17.41 -15.22
C ASP A 164 5.85 -17.95 -15.53
N ASP A 165 5.02 -18.18 -14.53
CA ASP A 165 3.61 -18.42 -14.77
C ASP A 165 3.01 -17.22 -15.48
N PRO A 166 2.14 -17.42 -16.47
CA PRO A 166 1.61 -16.26 -17.20
C PRO A 166 0.77 -15.33 -16.32
N GLU A 167 -0.06 -15.88 -15.43
CA GLU A 167 -0.90 -15.03 -14.62
C GLU A 167 -0.10 -14.18 -13.64
N PHE A 168 1.12 -14.61 -13.29
CA PHE A 168 2.06 -13.83 -12.48
C PHE A 168 2.92 -12.90 -13.34
N LYS A 169 3.43 -13.42 -14.45
CA LYS A 169 4.29 -12.62 -15.31
C LYS A 169 3.57 -11.37 -15.81
N PHE A 170 2.23 -11.44 -15.95
CA PHE A 170 1.38 -10.30 -16.27
C PHE A 170 1.78 -9.04 -15.49
N PHE A 171 2.04 -9.18 -14.19
CA PHE A 171 2.33 -8.02 -13.36
C PHE A 171 3.73 -7.47 -13.57
N SER A 172 4.63 -8.20 -14.21
CA SER A 172 5.90 -7.59 -14.59
C SER A 172 5.68 -6.44 -15.57
N GLY A 173 4.59 -6.47 -16.33
CA GLY A 173 4.26 -5.46 -17.30
C GLY A 173 3.32 -4.36 -16.82
N ASN A 174 3.17 -4.18 -15.50
CA ASN A 174 2.44 -3.02 -14.97
C ASN A 174 3.36 -1.80 -15.10
N ILE A 175 3.42 -1.25 -16.31
CA ILE A 175 4.35 -0.17 -16.52
C ILE A 175 3.92 1.09 -15.76
N VAL A 176 2.61 1.25 -15.49
CA VAL A 176 2.17 2.38 -14.67
C VAL A 176 2.63 2.18 -13.22
N GLY A 177 2.51 0.97 -12.70
CA GLY A 177 3.01 0.70 -11.36
C GLY A 177 4.49 1.03 -11.22
N ARG A 178 5.30 0.61 -12.19
CA ARG A 178 6.73 0.92 -12.14
C ARG A 178 6.97 2.42 -12.28
N THR A 179 6.32 3.04 -13.27
CA THR A 179 6.49 4.47 -13.53
C THR A 179 6.09 5.31 -12.34
N THR A 180 4.99 4.96 -11.68
CA THR A 180 4.53 5.72 -10.54
C THR A 180 5.56 5.72 -9.42
N SER A 181 6.19 4.57 -9.18
CA SER A 181 7.26 4.51 -8.19
C SER A 181 8.42 5.40 -8.59
N ASP A 182 8.83 5.35 -9.87
CA ASP A 182 9.80 6.28 -10.41
C ASP A 182 9.41 7.72 -10.05
N GLN A 183 8.18 8.13 -10.38
CA GLN A 183 7.76 9.50 -10.12
C GLN A 183 7.80 9.83 -8.62
N LEU A 184 7.46 8.86 -7.77
CA LEU A 184 7.49 9.13 -6.33
C LEU A 184 8.92 9.30 -5.83
N TYR A 185 9.84 8.45 -6.31
CA TYR A 185 11.25 8.63 -5.95
C TYR A 185 11.75 10.00 -6.37
N GLN A 186 11.24 10.53 -7.49
CA GLN A 186 11.71 11.83 -7.95
C GLN A 186 11.38 12.94 -6.97
N THR A 187 10.46 12.72 -6.03
CA THR A 187 10.18 13.75 -5.03
C THR A 187 11.18 13.74 -3.88
N ILE A 188 12.13 12.80 -3.84
CA ILE A 188 13.06 12.75 -2.72
C ILE A 188 13.90 14.03 -2.66
N ILE A 189 14.52 14.42 -3.78
CA ILE A 189 15.35 15.62 -3.79
C ILE A 189 14.55 16.89 -3.45
N PRO A 190 13.41 17.18 -4.09
CA PRO A 190 12.61 18.34 -3.65
C PRO A 190 12.15 18.26 -2.20
N ASN A 191 11.78 17.09 -1.68
CA ASN A 191 11.32 17.06 -0.29
C ASN A 191 12.44 17.38 0.68
N ALA A 192 13.63 16.79 0.46
CA ALA A 192 14.78 17.16 1.26
C ALA A 192 15.08 18.65 1.14
N ALA A 193 15.08 19.17 -0.09
CA ALA A 193 15.37 20.60 -0.31
C ALA A 193 14.44 21.48 0.52
N LYS A 194 13.14 21.16 0.50
CA LYS A 194 12.13 21.87 1.26
C LYS A 194 12.54 22.03 2.72
N TYR A 195 13.13 20.99 3.30
CA TYR A 195 13.59 21.01 4.69
C TYR A 195 15.05 21.44 4.79
N GLY A 196 15.57 22.13 3.78
CA GLY A 196 16.91 22.69 3.84
C GLY A 196 18.03 21.67 3.74
N VAL A 197 17.83 20.60 2.98
CA VAL A 197 18.83 19.55 2.80
C VAL A 197 19.13 19.45 1.31
N ASP A 198 20.33 19.86 0.92
CA ASP A 198 20.85 19.71 -0.44
C ASP A 198 22.00 18.70 -0.35
N ASP A 199 21.66 17.42 -0.46
CA ASP A 199 22.65 16.36 -0.38
C ASP A 199 22.97 15.92 -1.79
N PRO A 200 24.17 16.20 -2.31
CA PRO A 200 24.52 15.78 -3.68
C PRO A 200 24.70 14.27 -3.83
N LEU A 201 24.61 13.49 -2.75
CA LEU A 201 24.51 12.06 -2.93
C LEU A 201 23.11 11.63 -3.39
N LEU A 202 22.08 12.42 -3.08
CA LEU A 202 20.70 12.01 -3.38
C LEU A 202 20.44 11.72 -4.86
N PRO A 203 20.97 12.46 -5.83
CA PRO A 203 20.77 12.03 -7.23
C PRO A 203 21.23 10.60 -7.49
N THR A 204 22.34 10.20 -6.88
CA THR A 204 22.85 8.83 -7.09
C THR A 204 21.95 7.81 -6.41
N VAL A 205 21.51 8.12 -5.19
CA VAL A 205 20.57 7.26 -4.47
C VAL A 205 19.30 7.05 -5.30
N VAL A 206 18.72 8.15 -5.81
CA VAL A 206 17.47 8.10 -6.54
C VAL A 206 17.62 7.26 -7.81
N LYS A 207 18.70 7.48 -8.57
CA LYS A 207 18.94 6.70 -9.77
C LYS A 207 18.97 5.20 -9.49
N ASP A 208 19.51 4.79 -8.34
CA ASP A 208 19.53 3.37 -8.01
C ASP A 208 18.11 2.88 -7.71
N LEU A 209 17.37 3.60 -6.86
CA LEU A 209 15.99 3.22 -6.56
C LEU A 209 15.15 3.15 -7.84
N VAL A 210 15.36 4.08 -8.77
CA VAL A 210 14.57 4.12 -10.00
C VAL A 210 14.93 2.96 -10.92
N ASP A 211 16.24 2.69 -11.08
CA ASP A 211 16.67 1.57 -11.91
C ASP A 211 16.16 0.25 -11.37
N ASP A 212 16.13 0.10 -10.06
CA ASP A 212 15.59 -1.13 -9.49
C ASP A 212 14.10 -1.27 -9.78
N VAL A 213 13.29 -0.21 -9.55
CA VAL A 213 11.85 -0.39 -9.76
C VAL A 213 11.52 -0.53 -11.25
N MET A 214 12.31 0.10 -12.13
CA MET A 214 11.98 0.04 -13.55
C MET A 214 12.34 -1.31 -14.14
N HIS A 215 13.34 -1.98 -13.57
CA HIS A 215 13.88 -3.18 -14.19
C HIS A 215 13.78 -4.45 -13.37
N SER A 216 13.60 -4.39 -12.04
CA SER A 216 13.67 -5.60 -11.24
C SER A 216 12.55 -6.58 -11.59
N GLU A 217 12.89 -7.88 -11.56
CA GLU A 217 11.91 -8.97 -11.72
C GLU A 217 11.90 -9.89 -10.51
N GLU A 218 12.37 -9.39 -9.36
CA GLU A 218 12.64 -10.25 -8.22
C GLU A 218 11.41 -11.03 -7.79
N THR A 219 10.32 -10.33 -7.43
CA THR A 219 9.14 -11.02 -6.93
C THR A 219 7.91 -10.16 -7.13
N LEU A 220 6.74 -10.74 -6.83
CA LEU A 220 5.48 -10.01 -6.89
C LEU A 220 5.35 -9.17 -5.63
N VAL A 221 5.24 -7.84 -5.79
CA VAL A 221 5.12 -6.93 -4.66
C VAL A 221 3.76 -6.26 -4.68
N MET A 222 3.15 -6.12 -3.50
CA MET A 222 1.85 -5.47 -3.39
C MET A 222 1.95 -4.00 -3.76
N ALA A 223 3.06 -3.35 -3.41
CA ALA A 223 3.55 -2.06 -3.93
C ALA A 223 2.84 -0.82 -3.36
N ASP A 224 1.86 -0.96 -2.46
CA ASP A 224 1.36 0.23 -1.77
C ASP A 224 0.97 -0.15 -0.33
N LEU A 225 1.92 -0.72 0.42
CA LEU A 225 1.63 -1.35 1.71
C LEU A 225 1.96 -0.39 2.86
N TRP A 226 1.01 0.49 3.16
CA TRP A 226 1.10 1.38 4.32
C TRP A 226 -0.26 1.37 5.02
N SER A 227 -0.30 2.00 6.20
CA SER A 227 -1.47 1.90 7.07
C SER A 227 -2.73 2.50 6.44
N GLY A 228 -2.58 3.42 5.48
CA GLY A 228 -3.74 3.98 4.81
C GLY A 228 -4.43 3.07 3.82
N ASN A 229 -3.85 1.89 3.54
CA ASN A 229 -4.39 0.93 2.59
C ASN A 229 -4.77 -0.39 3.27
N ILE A 230 -4.89 -0.38 4.58
CA ILE A 230 -5.18 -1.57 5.36
C ILE A 230 -6.44 -1.30 6.19
N LEU A 231 -7.44 -2.16 6.05
CA LEU A 231 -8.64 -2.09 6.89
C LEU A 231 -8.55 -3.11 8.03
N LEU A 232 -8.90 -2.67 9.24
CA LEU A 232 -9.06 -3.56 10.37
C LEU A 232 -10.56 -3.78 10.64
N GLN A 233 -10.97 -5.04 10.71
CA GLN A 233 -12.31 -5.40 11.13
C GLN A 233 -12.22 -5.94 12.56
N LEU A 234 -12.66 -5.13 13.51
CA LEU A 234 -12.70 -5.51 14.91
C LEU A 234 -14.07 -6.09 15.24
N GLU A 235 -14.12 -6.93 16.28
CA GLU A 235 -15.37 -7.58 16.62
C GLU A 235 -16.42 -6.56 17.02
N GLU A 236 -17.63 -6.75 16.51
CA GLU A 236 -18.73 -5.81 16.75
C GLU A 236 -19.31 -6.09 18.14
N GLY A 237 -19.17 -5.13 19.05
CA GLY A 237 -19.49 -5.35 20.44
C GLY A 237 -18.24 -5.52 21.28
N ASN A 238 -17.27 -6.27 20.73
CA ASN A 238 -15.97 -6.50 21.37
C ASN A 238 -14.88 -5.75 20.59
N PRO A 239 -14.64 -4.47 20.91
CA PRO A 239 -13.63 -3.71 20.15
C PRO A 239 -12.19 -4.07 20.52
N SER A 240 -11.96 -5.32 20.92
CA SER A 240 -10.63 -5.76 21.34
C SER A 240 -10.22 -7.11 20.72
N LYS A 241 -11.01 -7.65 19.80
CA LYS A 241 -10.62 -8.82 19.02
C LYS A 241 -10.57 -8.44 17.55
N LEU A 242 -9.42 -8.68 16.92
CA LEU A 242 -9.27 -8.50 15.47
C LEU A 242 -9.85 -9.71 14.75
N GLN A 243 -10.80 -9.48 13.84
CA GLN A 243 -11.30 -10.60 13.05
C GLN A 243 -10.72 -10.67 11.64
N LYS A 244 -10.64 -9.56 10.92
CA LYS A 244 -10.08 -9.57 9.58
C LYS A 244 -9.13 -8.40 9.39
N ILE A 245 -8.19 -8.60 8.49
CA ILE A 245 -7.38 -7.54 7.90
C ILE A 245 -7.66 -7.56 6.40
N TYR A 246 -7.97 -6.41 5.83
CA TYR A 246 -8.14 -6.29 4.39
C TYR A 246 -7.04 -5.40 3.85
N ILE A 247 -6.35 -5.87 2.82
CA ILE A 247 -5.31 -5.12 2.15
C ILE A 247 -5.89 -4.61 0.84
N LEU A 248 -5.95 -3.29 0.70
CA LEU A 248 -6.59 -2.63 -0.42
C LEU A 248 -5.54 -1.98 -1.31
N ASP A 249 -5.99 -1.56 -2.50
CA ASP A 249 -5.29 -0.59 -3.32
C ASP A 249 -4.08 -1.23 -3.97
N TRP A 250 -4.36 -2.15 -4.90
CA TRP A 250 -3.35 -2.96 -5.57
C TRP A 250 -3.01 -2.43 -6.95
N GLU A 251 -3.29 -1.15 -7.21
CA GLU A 251 -3.13 -0.64 -8.56
C GLU A 251 -1.67 -0.46 -8.97
N LEU A 252 -0.74 -0.44 -8.01
CA LEU A 252 0.68 -0.42 -8.35
C LEU A 252 1.33 -1.81 -8.30
N CYS A 253 0.56 -2.86 -7.99
CA CYS A 253 1.10 -4.22 -7.94
C CYS A 253 1.90 -4.52 -9.20
N LYS A 254 3.13 -5.00 -9.01
CA LYS A 254 4.09 -5.22 -10.09
C LYS A 254 5.10 -6.26 -9.64
N TYR A 255 5.97 -6.67 -10.55
CA TYR A 255 7.21 -7.30 -10.12
C TYR A 255 8.21 -6.22 -9.77
N GLY A 256 9.04 -6.49 -8.78
CA GLY A 256 9.91 -5.50 -8.22
C GLY A 256 10.73 -6.08 -7.09
N PRO A 257 11.56 -5.26 -6.45
CA PRO A 257 12.34 -5.76 -5.32
C PRO A 257 11.47 -6.02 -4.09
N ALA A 258 11.74 -7.12 -3.41
CA ALA A 258 11.04 -7.43 -2.17
C ALA A 258 11.15 -6.29 -1.17
N SER A 259 12.31 -5.62 -1.16
CA SER A 259 12.55 -4.51 -0.25
C SER A 259 11.58 -3.34 -0.45
N LEU A 260 10.89 -3.29 -1.58
CA LEU A 260 9.93 -2.21 -1.79
C LEU A 260 8.76 -2.33 -0.81
N ASP A 261 8.17 -3.52 -0.70
CA ASP A 261 7.08 -3.71 0.27
C ASP A 261 7.57 -3.50 1.70
N LEU A 262 8.75 -4.02 2.04
CA LEU A 262 9.26 -3.85 3.40
C LEU A 262 9.53 -2.38 3.70
N GLY A 263 10.06 -1.65 2.72
CA GLY A 263 10.33 -0.23 2.92
C GLY A 263 9.06 0.56 3.16
N TYR A 264 7.98 0.22 2.45
CA TYR A 264 6.70 0.91 2.65
C TYR A 264 6.19 0.72 4.06
N PHE A 265 5.98 -0.54 4.46
CA PHE A 265 5.34 -0.80 5.74
C PHE A 265 6.25 -0.45 6.92
N LEU A 266 7.53 -0.82 6.84
CA LEU A 266 8.42 -0.49 7.94
C LEU A 266 8.64 1.00 8.01
N GLY A 267 8.70 1.67 6.86
CA GLY A 267 8.79 3.13 6.86
C GLY A 267 7.57 3.78 7.52
N ASP A 268 6.38 3.26 7.24
CA ASP A 268 5.19 3.77 7.90
C ASP A 268 5.26 3.50 9.40
N CYS A 269 5.74 2.32 9.81
CA CYS A 269 5.92 2.05 11.23
C CYS A 269 6.85 3.07 11.88
N TYR A 270 7.89 3.52 11.17
CA TYR A 270 8.78 4.53 11.74
C TYR A 270 8.06 5.86 11.94
N LEU A 271 7.27 6.30 10.95
CA LEU A 271 6.48 7.53 11.14
C LEU A 271 5.49 7.37 12.30
N ILE A 272 4.77 6.25 12.33
CA ILE A 272 3.83 6.00 13.42
C ILE A 272 4.53 6.09 14.76
N SER A 273 5.64 5.35 14.91
CA SER A 273 6.38 5.30 16.16
C SER A 273 6.95 6.67 16.54
N ARG A 274 7.47 7.41 15.56
CA ARG A 274 8.02 8.73 15.84
C ARG A 274 6.94 9.69 16.36
N PHE A 275 5.78 9.73 15.69
CA PHE A 275 4.87 10.85 15.83
C PHE A 275 3.52 10.53 16.44
N GLN A 276 3.11 9.26 16.51
CA GLN A 276 1.79 8.91 17.01
C GLN A 276 1.89 8.15 18.31
N ASP A 277 2.43 6.92 18.30
CA ASP A 277 2.57 6.12 19.50
C ASP A 277 3.79 5.22 19.32
N GLU A 278 4.79 5.41 20.17
CA GLU A 278 6.03 4.66 20.02
C GLU A 278 5.82 3.16 20.21
N GLN A 279 4.99 2.77 21.19
CA GLN A 279 4.84 1.35 21.42
C GLN A 279 4.06 0.69 20.29
N VAL A 280 3.04 1.38 19.77
CA VAL A 280 2.26 0.81 18.66
C VAL A 280 3.14 0.62 17.44
N GLY A 281 3.83 1.69 17.00
CA GLY A 281 4.65 1.58 15.82
C GLY A 281 5.76 0.55 15.96
N THR A 282 6.38 0.50 17.14
CA THR A 282 7.49 -0.42 17.37
C THR A 282 7.02 -1.86 17.49
N THR A 283 5.92 -2.09 18.20
CA THR A 283 5.39 -3.45 18.30
C THR A 283 5.02 -3.97 16.92
N MET A 284 4.45 -3.10 16.08
CA MET A 284 4.02 -3.52 14.76
C MET A 284 5.22 -3.84 13.88
N ARG A 285 6.23 -2.99 13.92
CA ARG A 285 7.45 -3.20 13.15
C ARG A 285 8.16 -4.50 13.55
N GLN A 286 8.29 -4.75 14.86
CA GLN A 286 9.01 -5.93 15.32
C GLN A 286 8.24 -7.20 14.95
N ALA A 287 6.92 -7.19 15.13
CA ALA A 287 6.17 -8.40 14.81
C ALA A 287 6.20 -8.65 13.31
N TYR A 288 6.23 -7.59 12.52
CA TYR A 288 6.30 -7.75 11.08
C TYR A 288 7.62 -8.37 10.65
N LEU A 289 8.74 -7.86 11.19
CA LEU A 289 10.04 -8.41 10.84
C LEU A 289 10.20 -9.85 11.32
N GLN A 290 9.71 -10.15 12.54
CA GLN A 290 9.80 -11.51 13.04
C GLN A 290 9.04 -12.46 12.13
N SER A 291 7.77 -12.13 11.84
CA SER A 291 6.95 -12.99 11.03
C SER A 291 7.49 -13.07 9.60
N TYR A 292 7.92 -11.94 9.05
CA TYR A 292 8.40 -11.95 7.67
C TYR A 292 9.68 -12.78 7.54
N ALA A 293 10.64 -12.56 8.43
CA ALA A 293 11.91 -13.29 8.35
C ALA A 293 11.72 -14.80 8.48
N ARG A 294 10.82 -15.22 9.38
CA ARG A 294 10.60 -16.65 9.61
C ARG A 294 9.91 -17.31 8.42
N THR A 295 8.98 -16.61 7.77
CA THR A 295 8.22 -17.18 6.68
C THR A 295 8.93 -17.05 5.34
N SER A 296 9.78 -16.03 5.17
CA SER A 296 10.40 -15.81 3.87
C SER A 296 11.46 -16.87 3.62
N LYS A 297 11.43 -17.46 2.41
CA LYS A 297 12.46 -18.41 2.01
C LYS A 297 13.72 -17.75 1.49
N HIS A 298 13.78 -16.42 1.50
CA HIS A 298 14.93 -15.75 0.92
C HIS A 298 15.49 -14.74 1.91
N SER A 299 16.79 -14.50 1.81
CA SER A 299 17.45 -13.59 2.73
C SER A 299 16.93 -12.18 2.55
N ILE A 300 16.65 -11.49 3.66
CA ILE A 300 16.37 -10.06 3.61
C ILE A 300 17.66 -9.32 3.26
N ASN A 301 17.56 -8.40 2.30
CA ASN A 301 18.68 -7.52 1.95
C ASN A 301 18.55 -6.29 2.83
N TYR A 302 19.27 -6.27 3.96
CA TYR A 302 19.07 -5.24 4.97
C TYR A 302 19.50 -3.86 4.48
N ALA A 303 20.50 -3.78 3.59
CA ALA A 303 20.89 -2.48 3.06
C ALA A 303 19.78 -1.88 2.20
N LYS A 304 19.13 -2.70 1.37
CA LYS A 304 18.08 -2.20 0.50
C LYS A 304 16.81 -1.88 1.28
N VAL A 305 16.53 -2.64 2.34
CA VAL A 305 15.40 -2.29 3.19
C VAL A 305 15.67 -1.00 3.92
N THR A 306 16.92 -0.77 4.35
CA THR A 306 17.30 0.51 4.94
C THR A 306 17.04 1.66 3.97
N ALA A 307 17.48 1.50 2.72
CA ALA A 307 17.24 2.55 1.72
C ALA A 307 15.75 2.73 1.44
N GLY A 308 14.97 1.64 1.48
CA GLY A 308 13.53 1.77 1.28
C GLY A 308 12.87 2.57 2.38
N ILE A 309 13.22 2.26 3.64
CA ILE A 309 12.71 3.02 4.78
C ILE A 309 13.12 4.48 4.67
N ALA A 310 14.38 4.73 4.31
CA ALA A 310 14.85 6.09 4.11
C ALA A 310 14.00 6.81 3.07
N ALA A 311 13.80 6.18 1.91
CA ALA A 311 12.99 6.79 0.87
C ALA A 311 11.60 7.08 1.37
N HIS A 312 10.99 6.14 2.11
CA HIS A 312 9.66 6.35 2.63
C HIS A 312 9.62 7.58 3.54
N ILE A 313 10.63 7.73 4.39
CA ILE A 313 10.65 8.85 5.33
C ILE A 313 10.74 10.17 4.58
N VAL A 314 11.65 10.26 3.60
CA VAL A 314 11.79 11.51 2.86
C VAL A 314 10.55 11.77 2.02
N MET A 315 10.04 10.74 1.33
CA MET A 315 8.92 10.91 0.42
C MET A 315 7.62 11.27 1.14
N TRP A 316 7.45 10.85 2.40
CA TRP A 316 6.15 10.93 3.06
C TRP A 316 6.06 11.87 4.26
N THR A 317 7.18 12.25 4.90
CA THR A 317 7.08 12.94 6.18
C THR A 317 6.29 14.25 6.06
N ASP A 318 6.64 15.08 5.06
CA ASP A 318 5.93 16.34 4.89
C ASP A 318 4.46 16.11 4.56
N PHE A 319 4.18 15.10 3.72
CA PHE A 319 2.80 14.80 3.34
C PHE A 319 1.92 14.51 4.55
N MET A 320 2.47 13.82 5.56
CA MET A 320 1.67 13.38 6.71
C MET A 320 1.36 14.52 7.68
N GLN A 321 2.19 15.55 7.74
CA GLN A 321 1.97 16.72 8.58
C GLN A 321 1.77 16.34 10.04
N TRP A 322 2.51 15.34 10.50
CA TRP A 322 2.56 14.97 11.90
C TRP A 322 3.67 15.75 12.63
N GLY A 323 3.53 15.84 13.95
CA GLY A 323 4.51 16.57 14.77
C GLY A 323 4.67 18.02 14.32
N SER A 324 5.78 18.63 14.73
CA SER A 324 6.10 20.02 14.41
C SER A 324 7.00 20.11 13.19
N GLU A 325 7.14 21.33 12.67
CA GLU A 325 8.06 21.52 11.55
C GLU A 325 9.48 21.12 11.92
N GLU A 326 9.92 21.48 13.13
CA GLU A 326 11.28 21.14 13.56
C GLU A 326 11.49 19.64 13.66
N GLU A 327 10.50 18.92 14.22
CA GLU A 327 10.63 17.48 14.35
C GLU A 327 10.65 16.79 12.99
N ARG A 328 9.84 17.28 12.05
CA ARG A 328 9.83 16.71 10.71
C ARG A 328 11.18 16.93 10.02
N ILE A 329 11.78 18.11 10.20
CA ILE A 329 13.06 18.33 9.54
C ILE A 329 14.13 17.39 10.10
N ASN A 330 14.17 17.24 11.43
CA ASN A 330 15.10 16.30 12.05
C ASN A 330 14.84 14.87 11.59
N PHE A 331 13.57 14.49 11.44
CA PHE A 331 13.26 13.13 11.03
C PHE A 331 13.70 12.89 9.60
N VAL A 332 13.48 13.87 8.73
CA VAL A 332 13.90 13.72 7.35
C VAL A 332 15.42 13.61 7.26
N LYS A 333 16.15 14.42 8.05
CA LYS A 333 17.60 14.29 8.07
C LYS A 333 18.03 12.90 8.53
N LYS A 334 17.30 12.30 9.48
CA LYS A 334 17.61 10.93 9.87
C LYS A 334 17.38 9.97 8.70
N GLY A 335 16.36 10.23 7.88
CA GLY A 335 16.14 9.42 6.70
C GLY A 335 17.28 9.59 5.70
N VAL A 336 17.74 10.82 5.51
CA VAL A 336 18.84 11.07 4.59
C VAL A 336 20.13 10.38 5.10
N ALA A 337 20.38 10.44 6.41
CA ALA A 337 21.54 9.75 6.96
C ALA A 337 21.45 8.24 6.73
N ALA A 338 20.23 7.68 6.78
CA ALA A 338 20.07 6.24 6.53
C ALA A 338 20.49 5.87 5.12
N PHE A 339 20.18 6.73 4.13
CA PHE A 339 20.68 6.54 2.76
C PHE A 339 22.21 6.38 2.74
N HIS A 340 22.92 7.21 3.51
CA HIS A 340 24.38 7.08 3.55
C HIS A 340 24.79 5.78 4.23
N ASP A 341 24.08 5.36 5.28
CA ASP A 341 24.36 4.08 5.93
C ASP A 341 24.18 2.91 4.96
N ALA A 342 23.14 2.96 4.12
CA ALA A 342 22.90 1.86 3.18
C ALA A 342 24.04 1.73 2.17
N ARG A 343 24.74 2.82 1.86
CA ARG A 343 25.86 2.79 0.94
C ARG A 343 27.18 2.74 1.67
N GLY A 344 27.15 2.40 2.96
CA GLY A 344 28.34 2.44 3.78
C GLY A 344 29.18 1.19 3.59
N ASN A 345 30.13 1.05 4.50
CA ASN A 345 31.12 0.00 4.47
C ASN A 345 30.81 -1.07 5.51
N ASN A 346 29.57 -1.09 6.03
CA ASN A 346 29.22 -1.70 7.31
C ASN A 346 27.72 -1.65 7.60
N ASP A 347 27.22 -2.59 8.41
CA ASP A 347 25.83 -2.67 8.83
C ASP A 347 25.56 -1.96 10.15
N ASN A 348 26.39 -0.98 10.51
CA ASN A 348 26.30 -0.39 11.83
C ASN A 348 25.37 0.82 11.87
N GLY A 349 24.68 1.13 10.77
CA GLY A 349 23.75 2.23 10.78
C GLY A 349 22.65 2.04 11.80
N GLU A 350 22.13 3.17 12.28
CA GLU A 350 21.08 3.18 13.30
C GLU A 350 19.89 2.31 12.88
N ILE A 351 19.34 2.58 11.70
CA ILE A 351 18.16 1.87 11.23
C ILE A 351 18.49 0.40 10.92
N THR A 352 19.61 0.16 10.24
CA THR A 352 19.99 -1.20 9.89
C THR A 352 20.17 -2.09 11.12
N SER A 353 20.81 -1.56 12.17
CA SER A 353 20.98 -2.35 13.39
C SER A 353 19.64 -2.61 14.08
N THR A 354 18.69 -1.69 13.97
CA THR A 354 17.35 -1.95 14.51
C THR A 354 16.65 -3.08 13.76
N LEU A 355 16.73 -3.07 12.42
CA LEU A 355 16.14 -4.15 11.62
C LEU A 355 16.72 -5.50 12.00
N LEU A 356 18.05 -5.58 12.14
CA LEU A 356 18.70 -6.84 12.49
C LEU A 356 18.27 -7.32 13.87
N LYS A 357 18.26 -6.41 14.85
CA LYS A 357 17.87 -6.79 16.21
C LYS A 357 16.45 -7.32 16.25
N GLU A 358 15.53 -6.61 15.58
CA GLU A 358 14.11 -6.95 15.67
C GLU A 358 13.73 -8.14 14.79
N SER A 359 14.53 -8.47 13.79
CA SER A 359 14.22 -9.62 12.95
C SER A 359 14.89 -10.90 13.44
N SER A 360 15.70 -10.83 14.50
CA SER A 360 16.56 -11.94 14.88
C SER A 360 15.76 -13.10 15.46
N THR A 361 16.26 -14.32 15.28
CA THR A 361 15.58 -15.49 15.83
C THR A 361 15.97 -15.68 17.30
#